data_3B4A
#
_entry.id   3B4A
#
_cell.length_a   177.154
_cell.length_b   41.692
_cell.length_c   77.699
_cell.angle_alpha   90
_cell.angle_beta   90
_cell.angle_gamma   90
#
_symmetry.space_group_name_H-M   'P 21 21 2'
#
loop_
_entity.id
_entity.type
_entity.pdbx_description
1 polymer 'glmS ribozyme substrate RNA'
2 polymer 'glmS ribozyme RNA'
3 non-polymer 2-amino-2-deoxy-6-O-phosphono-alpha-D-glucopyranose
4 non-polymer 'MAGNESIUM ION'
5 water water
#
loop_
_entity_poly.entity_id
_entity_poly.type
_entity_poly.pdbx_seq_one_letter_code
_entity_poly.pdbx_strand_id
1 'polyribonucleotide' AAGCGCCUGGACUUAAAGCCAUUGCACU A
2 'polyribonucleotide'
;CCGGCUUUAAGUUGACGAGAGCAGGGUUUAUCGAGACAUCGGCGGGUGCCCUGCGGUCUUCCUGCGACCGUUAGAGGACU
GGUAAAACCACAGGCGACUGUGGCAUAGAGCAGUCCGGGCAGGA(A23)
;
B
#